data_4JK3
#
_entry.id   4JK3
#
_cell.length_a   79.650
_cell.length_b   155.400
_cell.length_c   39.570
_cell.angle_alpha   90.00
_cell.angle_beta   90.00
_cell.angle_gamma   90.00
#
_symmetry.space_group_name_H-M   'P 21 21 2'
#
loop_
_entity.id
_entity.type
_entity.pdbx_description
1 polymer PylD
2 non-polymer NICOTINAMIDE-ADENINE-DINUCLEOTIDE
3 non-polymer 'SODIUM ION'
4 non-polymer 'MAGNESIUM ION'
5 water water
#
_entity_poly.entity_id   1
_entity_poly.type   'polypeptide(L)'
_entity_poly.pdbx_seq_one_letter_code
;(MSE)ALLTPDDLININ(MSE)QLQKADSAVQEVTGLDIKGICKALYGTFSSSEKVGIVPVTSGNGIIGNFSASLHAITQ
YFGFDSFVTD(MSE)PDVSGYYEAVQNGAEIIL(MSE)ADDRTFLAHNLKNGK(MSE)ANNQPCTGIIYAEIASRYLKAD
SKDVLVVGLGKVGFPGAEHLVQKDFRVYGYDADETLLERATSNLGIIPFDPANPKKFSIIFEATPCANTIPEAVLSENCV
LSTPGIPCAISEELRDKYEVQLIAEPLGIGTAS(MSE)LYSVL
;
_entity_poly.pdbx_strand_id   A,B
#
loop_
_chem_comp.id
_chem_comp.type
_chem_comp.name
_chem_comp.formula
MG non-polymer 'MAGNESIUM ION' 'Mg 2'
NA non-polymer 'SODIUM ION' 'Na 1'
NAD non-polymer NICOTINAMIDE-ADENINE-DINUCLEOTIDE 'C21 H27 N7 O14 P2'
#
# COMPACT_ATOMS: atom_id res chain seq x y z
N THR A 5 -0.93 -7.24 24.35
CA THR A 5 -1.19 -7.23 25.83
C THR A 5 0.00 -7.76 26.68
N PRO A 6 0.04 -9.06 27.07
CA PRO A 6 1.18 -9.38 27.95
C PRO A 6 2.42 -9.89 27.21
N ASP A 7 2.22 -10.89 26.35
CA ASP A 7 3.29 -11.45 25.52
C ASP A 7 3.62 -10.54 24.35
N ASP A 8 2.68 -9.66 24.00
CA ASP A 8 2.90 -8.63 22.99
C ASP A 8 3.85 -7.56 23.51
N LEU A 9 3.77 -7.29 24.81
CA LEU A 9 4.69 -6.38 25.50
C LEU A 9 6.13 -6.87 25.33
N ILE A 10 6.33 -8.16 25.60
CA ILE A 10 7.60 -8.85 25.35
C ILE A 10 7.95 -8.81 23.86
N ASN A 11 6.97 -9.05 23.00
CA ASN A 11 7.15 -9.10 21.55
C ASN A 11 7.67 -7.79 20.95
N ILE A 12 7.02 -6.67 21.30
CA ILE A 12 7.45 -5.35 20.82
C ILE A 12 8.83 -5.01 21.39
N ASN A 13 9.03 -5.31 22.67
CA ASN A 13 10.30 -5.07 23.34
C ASN A 13 11.44 -5.88 22.72
N MSE A 14 11.12 -7.07 22.22
CA MSE A 14 12.08 -7.93 21.54
C MSE A 14 12.46 -7.31 20.24
O MSE A 14 13.64 -7.13 19.97
CB MSE A 14 11.51 -9.31 21.29
CG MSE A 14 12.64 -10.34 21.34
SE MSE A 14 13.41 -10.32 23.15
CE MSE A 14 15.11 -9.38 22.81
N GLN A 15 11.45 -6.97 19.43
CA GLN A 15 11.64 -6.39 18.10
C GLN A 15 12.45 -5.08 18.13
N LEU A 16 12.36 -4.35 19.25
CA LEU A 16 13.10 -3.12 19.42
C LEU A 16 14.54 -3.39 19.79
N GLN A 17 14.75 -4.39 20.64
CA GLN A 17 16.09 -4.79 21.03
C GLN A 17 16.86 -5.35 19.85
N LYS A 18 16.16 -6.12 19.01
CA LYS A 18 16.75 -6.69 17.78
C LYS A 18 17.20 -5.56 16.85
N ALA A 19 16.28 -4.62 16.60
CA ALA A 19 16.55 -3.49 15.71
C ALA A 19 17.69 -2.66 16.27
N ASP A 20 17.74 -2.51 17.58
CA ASP A 20 18.81 -1.78 18.22
C ASP A 20 20.15 -2.45 17.93
N SER A 21 20.17 -3.78 17.99
CA SER A 21 21.38 -4.56 17.74
C SER A 21 21.80 -4.46 16.27
N ALA A 22 20.84 -4.66 15.38
CA ALA A 22 21.11 -4.47 13.94
C ALA A 22 21.71 -3.09 13.68
N VAL A 23 21.22 -2.07 14.38
CA VAL A 23 21.75 -0.72 14.24
C VAL A 23 23.16 -0.59 14.81
N GLN A 24 23.40 -1.15 16.00
CA GLN A 24 24.76 -1.25 16.57
C GLN A 24 25.73 -1.97 15.64
N GLU A 25 25.32 -3.11 15.10
CA GLU A 25 26.15 -3.88 14.18
C GLU A 25 26.62 -3.01 13.00
N VAL A 26 25.67 -2.31 12.38
CA VAL A 26 25.92 -1.51 11.18
C VAL A 26 26.68 -0.19 11.44
N THR A 27 26.37 0.48 12.55
CA THR A 27 26.88 1.85 12.80
C THR A 27 27.85 2.03 13.98
N GLY A 28 27.79 1.12 14.96
CA GLY A 28 28.60 1.23 16.16
C GLY A 28 27.81 1.91 17.27
N LEU A 29 26.79 2.66 16.88
CA LEU A 29 25.88 3.32 17.81
C LEU A 29 24.57 2.54 17.91
N ASP A 30 23.88 2.67 19.04
CA ASP A 30 22.49 2.21 19.13
C ASP A 30 21.54 3.30 18.59
N ILE A 31 20.24 3.02 18.57
CA ILE A 31 19.24 3.97 18.07
C ILE A 31 19.29 5.29 18.88
N LYS A 32 19.43 5.15 20.19
CA LYS A 32 19.60 6.28 21.10
C LYS A 32 20.79 7.15 20.71
N GLY A 33 21.94 6.53 20.47
CA GLY A 33 23.14 7.23 19.97
C GLY A 33 23.01 7.85 18.57
N ILE A 34 22.33 7.17 17.64
CA ILE A 34 22.07 7.74 16.33
C ILE A 34 21.30 9.05 16.45
N CYS A 35 20.25 9.04 17.26
CA CYS A 35 19.44 10.23 17.52
C CYS A 35 20.25 11.34 18.18
N LYS A 36 21.11 10.94 19.11
CA LYS A 36 22.03 11.87 19.77
C LYS A 36 22.97 12.51 18.75
N ALA A 37 23.50 11.70 17.84
CA ALA A 37 24.37 12.19 16.77
C ALA A 37 23.61 13.03 15.75
N LEU A 38 22.34 12.73 15.56
CA LEU A 38 21.52 13.34 14.53
C LEU A 38 21.04 14.71 14.99
N TYR A 39 20.54 14.78 16.21
CA TYR A 39 19.86 15.97 16.69
C TYR A 39 20.60 16.67 17.83
N GLY A 40 21.68 16.05 18.30
CA GLY A 40 22.47 16.61 19.39
C GLY A 40 21.64 16.73 20.64
N THR A 41 20.91 15.67 20.93
CA THR A 41 19.79 15.72 21.86
C THR A 41 19.74 14.40 22.66
N PHE A 42 19.06 14.40 23.80
CA PHE A 42 19.10 13.28 24.73
C PHE A 42 17.86 13.26 25.61
N SER A 43 17.48 12.06 26.01
CA SER A 43 16.31 11.82 26.82
C SER A 43 16.57 12.19 28.29
N SER A 44 15.64 12.93 28.89
CA SER A 44 15.74 13.32 30.30
C SER A 44 14.38 13.06 30.95
N SER A 45 13.82 11.89 30.65
CA SER A 45 12.54 11.45 31.20
C SER A 45 11.39 12.41 30.92
N GLU A 46 11.46 13.13 29.79
CA GLU A 46 10.41 14.07 29.43
C GLU A 46 9.07 13.36 29.39
N LYS A 47 8.04 14.07 29.83
CA LYS A 47 6.70 13.52 29.89
C LYS A 47 6.05 13.65 28.52
N VAL A 48 5.63 12.51 27.98
CA VAL A 48 4.99 12.47 26.65
C VAL A 48 3.60 11.88 26.72
N GLY A 49 2.64 12.66 26.22
CA GLY A 49 1.25 12.26 26.23
C GLY A 49 0.86 11.68 24.89
N ILE A 50 0.48 10.41 24.90
CA ILE A 50 0.03 9.75 23.69
C ILE A 50 -1.49 9.79 23.64
N VAL A 51 -2.04 10.54 22.67
CA VAL A 51 -3.49 10.69 22.59
C VAL A 51 -4.06 9.94 21.39
N PRO A 52 -4.88 8.92 21.67
CA PRO A 52 -5.50 8.15 20.59
C PRO A 52 -6.44 9.04 19.81
N VAL A 53 -6.56 8.82 18.51
CA VAL A 53 -7.53 9.57 17.73
C VAL A 53 -8.42 8.69 16.84
N THR A 54 -9.68 9.09 16.67
CA THR A 54 -10.62 8.39 15.82
C THR A 54 -10.26 8.62 14.35
N SER A 55 -9.58 7.62 13.76
CA SER A 55 -9.14 7.67 12.36
C SER A 55 -8.42 6.37 12.00
N ILE A 60 -10.91 0.45 20.06
CA ILE A 60 -9.66 -0.29 20.27
C ILE A 60 -8.46 0.56 19.83
N GLY A 61 -7.62 0.91 20.80
CA GLY A 61 -6.41 1.69 20.54
C GLY A 61 -5.14 0.90 20.79
N ASN A 62 -4.73 0.09 19.81
CA ASN A 62 -3.53 -0.74 19.93
C ASN A 62 -2.26 -0.05 19.42
N PHE A 63 -2.44 0.85 18.45
CA PHE A 63 -1.36 1.68 17.95
C PHE A 63 -0.75 2.56 19.07
N SER A 64 -1.60 3.16 19.88
CA SER A 64 -1.15 3.94 21.02
C SER A 64 -0.42 3.09 22.06
N ALA A 65 -0.89 1.85 22.25
CA ALA A 65 -0.22 0.89 23.15
C ALA A 65 1.19 0.55 22.68
N SER A 66 1.36 0.43 21.36
CA SER A 66 2.69 0.22 20.76
C SER A 66 3.58 1.43 21.04
N LEU A 67 3.07 2.62 20.78
CA LEU A 67 3.79 3.85 21.02
C LEU A 67 4.19 3.99 22.48
N HIS A 68 3.31 3.57 23.37
CA HIS A 68 3.62 3.53 24.81
C HIS A 68 4.81 2.62 25.06
N ALA A 69 4.74 1.41 24.51
CA ALA A 69 5.82 0.44 24.61
C ALA A 69 7.14 1.05 24.12
N ILE A 70 7.09 1.64 22.92
CA ILE A 70 8.27 2.19 22.25
C ILE A 70 8.88 3.36 23.02
N THR A 71 8.05 4.28 23.49
CA THR A 71 8.55 5.46 24.19
C THR A 71 9.14 5.11 25.55
N GLN A 72 8.56 4.12 26.23
CA GLN A 72 9.11 3.57 27.49
C GLN A 72 10.54 3.09 27.26
N TYR A 73 10.71 2.24 26.25
CA TYR A 73 12.02 1.72 25.88
C TYR A 73 13.11 2.81 25.77
N PHE A 74 12.77 3.98 25.25
CA PHE A 74 13.77 5.04 25.04
C PHE A 74 13.94 6.00 26.22
N GLY A 75 13.34 5.66 27.36
CA GLY A 75 13.53 6.41 28.60
C GLY A 75 12.67 7.66 28.75
N PHE A 76 11.52 7.65 28.09
CA PHE A 76 10.53 8.70 28.27
C PHE A 76 9.43 8.27 29.25
N ASP A 77 9.00 9.21 30.07
CA ASP A 77 7.85 9.01 30.93
C ASP A 77 6.57 9.27 30.12
N SER A 78 6.06 8.22 29.47
CA SER A 78 4.89 8.34 28.59
C SER A 78 3.61 7.76 29.19
N PHE A 79 2.47 8.23 28.68
CA PHE A 79 1.16 7.68 29.07
C PHE A 79 0.17 7.79 27.94
N VAL A 80 -0.82 6.91 27.93
CA VAL A 80 -1.90 7.02 27.00
C VAL A 80 -3.10 7.60 27.75
N THR A 81 -3.69 8.65 27.17
CA THR A 81 -4.84 9.33 27.76
C THR A 81 -6.05 8.42 27.72
N ASP A 82 -6.91 8.55 28.72
CA ASP A 82 -8.14 7.77 28.80
C ASP A 82 -9.10 8.16 27.67
N MSE A 83 -9.11 9.45 27.32
CA MSE A 83 -10.01 9.98 26.30
C MSE A 83 -9.29 10.04 24.98
O MSE A 83 -8.06 10.19 24.96
CB MSE A 83 -10.46 11.38 26.71
CG MSE A 83 -11.39 11.43 27.91
SE MSE A 83 -13.02 10.36 27.55
CE MSE A 83 -13.83 11.38 26.08
N PRO A 84 -10.01 9.92 23.87
CA PRO A 84 -9.43 10.11 22.55
C PRO A 84 -9.67 11.54 22.04
N ASP A 85 -9.07 11.87 20.89
CA ASP A 85 -9.28 13.15 20.20
C ASP A 85 -9.01 14.40 21.05
N VAL A 86 -9.89 15.38 20.95
CA VAL A 86 -9.72 16.68 21.61
C VAL A 86 -9.79 16.52 23.13
N SER A 87 -10.74 15.71 23.61
CA SER A 87 -10.82 15.40 25.03
C SER A 87 -9.49 14.79 25.50
N GLY A 88 -8.93 13.93 24.66
CA GLY A 88 -7.61 13.34 24.90
C GLY A 88 -6.47 14.35 24.97
N TYR A 89 -6.42 15.23 23.98
CA TYR A 89 -5.44 16.31 23.91
C TYR A 89 -5.47 17.11 25.20
N TYR A 90 -6.68 17.48 25.64
CA TYR A 90 -6.92 18.28 26.84
C TYR A 90 -6.42 17.54 28.06
N GLU A 91 -6.86 16.29 28.20
CA GLU A 91 -6.39 15.42 29.27
C GLU A 91 -4.86 15.38 29.34
N ALA A 92 -4.22 15.22 28.18
CA ALA A 92 -2.76 15.18 28.09
C ALA A 92 -2.07 16.46 28.59
N VAL A 93 -2.52 17.62 28.11
CA VAL A 93 -1.88 18.88 28.49
C VAL A 93 -2.07 19.13 29.99
N GLN A 94 -3.29 18.88 30.46
CA GLN A 94 -3.66 19.12 31.86
C GLN A 94 -2.92 18.21 32.83
N ASN A 95 -2.52 17.03 32.35
CA ASN A 95 -1.73 16.07 33.11
C ASN A 95 -0.22 16.21 32.95
N GLY A 96 0.23 17.36 32.45
CA GLY A 96 1.65 17.71 32.49
C GLY A 96 2.53 17.23 31.34
N ALA A 97 1.91 16.70 30.28
CA ALA A 97 2.65 16.33 29.07
C ALA A 97 3.42 17.49 28.48
N GLU A 98 4.70 17.25 28.22
CA GLU A 98 5.59 18.23 27.59
C GLU A 98 5.56 18.02 26.08
N ILE A 99 5.40 16.77 25.66
CA ILE A 99 5.31 16.41 24.25
C ILE A 99 4.01 15.64 23.98
N ILE A 100 3.26 16.08 22.98
CA ILE A 100 2.10 15.35 22.49
C ILE A 100 2.47 14.48 21.28
N LEU A 101 2.02 13.23 21.31
CA LEU A 101 2.26 12.28 20.23
C LEU A 101 0.91 11.82 19.74
N MSE A 102 0.65 11.95 18.44
CA MSE A 102 -0.68 11.61 17.90
C MSE A 102 -0.70 11.42 16.40
O MSE A 102 0.10 11.98 15.67
CB MSE A 102 -1.74 12.64 18.32
CG MSE A 102 -1.50 14.08 17.88
SE MSE A 102 -2.99 15.19 18.56
CE MSE A 102 -2.26 16.96 18.05
N ALA A 103 -1.66 10.62 15.93
CA ALA A 103 -1.74 10.25 14.53
C ALA A 103 -3.15 10.05 14.06
N ASP A 104 -3.44 10.52 12.85
CA ASP A 104 -4.61 10.06 12.12
C ASP A 104 -4.16 9.23 10.92
N ASP A 105 -5.05 8.98 9.96
CA ASP A 105 -4.76 8.14 8.80
C ASP A 105 -3.60 8.67 7.94
N ARG A 106 -3.33 9.97 8.00
CA ARG A 106 -2.38 10.58 7.07
C ARG A 106 -1.21 11.37 7.70
N THR A 107 -1.33 11.71 8.98
CA THR A 107 -0.30 12.48 9.66
C THR A 107 -0.03 11.90 11.04
N PHE A 108 1.25 11.70 11.33
CA PHE A 108 1.70 11.24 12.63
C PHE A 108 2.70 12.29 13.14
N LEU A 109 2.33 12.99 14.20
CA LEU A 109 3.16 14.11 14.69
C LEU A 109 3.61 14.00 16.15
N ALA A 110 4.70 14.68 16.47
CA ALA A 110 5.14 14.88 17.84
C ALA A 110 5.28 16.39 18.07
N HIS A 111 4.60 16.89 19.10
CA HIS A 111 4.60 18.32 19.35
C HIS A 111 5.11 18.61 20.75
N ASN A 112 6.23 19.31 20.81
CA ASN A 112 6.84 19.72 22.05
C ASN A 112 6.24 21.05 22.49
N LEU A 113 5.52 21.04 23.61
CA LEU A 113 4.85 22.24 24.09
C LEU A 113 5.80 23.23 24.76
N LYS A 114 6.87 22.72 25.38
CA LYS A 114 7.91 23.57 25.97
C LYS A 114 8.61 24.48 24.96
N ASN A 115 9.09 23.91 23.85
CA ASN A 115 9.90 24.67 22.90
C ASN A 115 9.23 25.01 21.56
N GLY A 116 8.00 24.56 21.36
CA GLY A 116 7.27 24.80 20.11
C GLY A 116 7.66 23.94 18.90
N LYS A 117 8.59 23.00 19.09
CA LYS A 117 9.05 22.15 17.97
C LYS A 117 8.06 21.05 17.63
N MSE A 118 7.86 20.87 16.33
CA MSE A 118 6.98 19.82 15.83
C MSE A 118 7.65 18.97 14.79
O MSE A 118 8.32 19.45 13.89
CB MSE A 118 5.75 20.49 15.26
CG MSE A 118 4.66 19.46 14.98
SE MSE A 118 2.93 20.37 14.71
CE MSE A 118 3.38 21.35 13.05
N ALA A 119 7.45 17.66 14.89
CA ALA A 119 8.02 16.72 13.92
C ALA A 119 6.92 15.97 13.18
N ASN A 120 7.16 15.71 11.90
CA ASN A 120 6.28 14.82 11.14
C ASN A 120 6.98 13.49 10.98
N ASN A 121 6.25 12.41 11.24
CA ASN A 121 6.78 11.04 11.13
C ASN A 121 7.56 10.72 9.84
N GLN A 122 7.04 11.21 8.71
CA GLN A 122 7.57 10.84 7.41
C GLN A 122 9.00 11.34 7.15
N PRO A 123 9.22 12.67 7.25
CA PRO A 123 10.59 13.15 7.11
C PRO A 123 11.53 12.59 8.19
N CYS A 124 11.06 12.46 9.42
CA CYS A 124 11.92 11.96 10.49
C CYS A 124 12.34 10.50 10.24
N THR A 125 11.42 9.71 9.71
CA THR A 125 11.73 8.33 9.38
C THR A 125 12.79 8.29 8.27
N GLY A 126 12.60 9.10 7.24
CA GLY A 126 13.51 9.12 6.10
C GLY A 126 14.90 9.59 6.47
N ILE A 127 14.96 10.63 7.30
CA ILE A 127 16.24 11.15 7.82
C ILE A 127 17.00 10.08 8.62
N ILE A 128 16.33 9.45 9.59
CA ILE A 128 17.02 8.47 10.46
C ILE A 128 17.48 7.19 9.73
N TYR A 129 16.63 6.62 8.88
CA TYR A 129 17.05 5.49 8.04
C TYR A 129 18.20 5.85 7.07
N ALA A 130 18.17 7.06 6.51
CA ALA A 130 19.26 7.52 5.67
C ALA A 130 20.54 7.69 6.49
N GLU A 131 20.39 8.27 7.68
CA GLU A 131 21.51 8.47 8.59
C GLU A 131 22.19 7.13 8.94
N ILE A 132 21.36 6.13 9.27
CA ILE A 132 21.87 4.82 9.62
C ILE A 132 22.63 4.21 8.44
N ALA A 133 22.09 4.37 7.24
CA ALA A 133 22.74 3.82 6.05
C ALA A 133 24.09 4.51 5.81
N SER A 134 24.08 5.85 5.91
CA SER A 134 25.28 6.67 5.75
C SER A 134 26.40 6.31 6.73
N ARG A 135 26.05 5.77 7.91
CA ARG A 135 27.06 5.52 8.93
C ARG A 135 27.59 4.09 8.90
N TYR A 136 27.24 3.35 7.84
CA TYR A 136 27.67 1.96 7.71
C TYR A 136 29.19 1.83 7.79
N LEU A 137 29.64 1.18 8.87
CA LEU A 137 31.05 1.08 9.23
C LEU A 137 31.93 0.45 8.15
N LYS A 138 31.41 -0.55 7.44
CA LYS A 138 32.20 -1.30 6.48
C LYS A 138 31.88 -0.96 5.03
N ALA A 139 31.38 0.25 4.79
CA ALA A 139 31.07 0.71 3.43
C ALA A 139 32.34 1.14 2.70
N ASP A 140 32.47 0.74 1.45
CA ASP A 140 33.67 1.09 0.69
C ASP A 140 33.64 2.49 0.05
N SER A 141 32.47 2.93 -0.41
CA SER A 141 32.38 4.22 -1.10
C SER A 141 31.40 5.17 -0.43
N LYS A 142 31.30 6.37 -0.98
CA LYS A 142 30.31 7.36 -0.59
C LYS A 142 29.10 7.33 -1.53
N ASP A 143 28.99 6.29 -2.36
CA ASP A 143 27.86 6.17 -3.27
C ASP A 143 26.68 5.56 -2.55
N VAL A 144 25.49 6.06 -2.82
CA VAL A 144 24.29 5.52 -2.15
C VAL A 144 23.13 5.48 -3.11
N LEU A 145 22.34 4.41 -3.04
CA LEU A 145 21.15 4.26 -3.89
C LEU A 145 19.97 4.50 -3.01
N VAL A 146 19.10 5.40 -3.48
CA VAL A 146 17.83 5.64 -2.85
C VAL A 146 16.73 5.20 -3.79
N VAL A 147 15.89 4.28 -3.33
CA VAL A 147 14.77 3.84 -4.11
C VAL A 147 13.50 4.22 -3.37
N GLY A 148 12.66 5.02 -4.03
CA GLY A 148 11.48 5.60 -3.40
C GLY A 148 11.77 7.04 -3.02
N LEU A 149 11.14 7.99 -3.72
CA LEU A 149 11.39 9.40 -3.43
C LEU A 149 10.11 10.15 -3.04
N GLY A 150 9.27 9.46 -2.28
CA GLY A 150 8.05 10.04 -1.78
C GLY A 150 8.25 10.78 -0.47
N LYS A 151 7.24 10.74 0.38
CA LYS A 151 7.23 11.54 1.61
C LYS A 151 8.31 11.12 2.60
N VAL A 152 8.72 9.84 2.60
CA VAL A 152 9.84 9.40 3.44
C VAL A 152 11.16 9.51 2.69
N GLY A 153 11.19 8.99 1.47
CA GLY A 153 12.43 8.89 0.70
C GLY A 153 13.07 10.21 0.28
N PHE A 154 12.26 11.17 -0.20
CA PHE A 154 12.82 12.47 -0.58
C PHE A 154 13.59 13.16 0.57
N PRO A 155 13.00 13.26 1.77
CA PRO A 155 13.81 13.86 2.85
C PRO A 155 15.07 13.03 3.21
N GLY A 156 15.00 11.71 3.06
CA GLY A 156 16.18 10.86 3.27
C GLY A 156 17.28 11.14 2.25
N ALA A 157 16.86 11.27 1.00
CA ALA A 157 17.77 11.65 -0.09
C ALA A 157 18.39 13.02 0.19
N GLU A 158 17.58 13.95 0.72
CA GLU A 158 18.06 15.30 1.02
C GLU A 158 19.12 15.25 2.12
N HIS A 159 18.87 14.45 3.15
CA HIS A 159 19.82 14.29 4.23
C HIS A 159 21.15 13.77 3.67
N LEU A 160 21.07 12.76 2.81
CA LEU A 160 22.26 12.16 2.20
C LEU A 160 23.09 13.12 1.35
N VAL A 161 22.43 13.92 0.50
CA VAL A 161 23.13 14.99 -0.19
C VAL A 161 23.84 15.96 0.79
N GLN A 162 23.17 16.41 1.84
CA GLN A 162 23.78 17.36 2.76
C GLN A 162 24.98 16.78 3.52
N LYS A 163 25.11 15.45 3.55
CA LYS A 163 26.26 14.79 4.18
C LYS A 163 27.34 14.50 3.15
N ASP A 164 27.18 15.08 1.97
CA ASP A 164 28.12 14.94 0.84
C ASP A 164 28.36 13.52 0.32
N PHE A 165 27.30 12.73 0.25
CA PHE A 165 27.33 11.43 -0.39
C PHE A 165 27.03 11.60 -1.88
N ARG A 166 27.44 10.64 -2.72
CA ARG A 166 27.01 10.68 -4.11
C ARG A 166 25.72 9.87 -4.25
N VAL A 167 24.61 10.59 -4.33
CA VAL A 167 23.29 9.97 -4.20
C VAL A 167 22.69 9.70 -5.57
N TYR A 168 22.39 8.42 -5.83
CA TYR A 168 21.62 8.00 -6.99
C TYR A 168 20.20 7.72 -6.50
N GLY A 169 19.22 8.10 -7.29
CA GLY A 169 17.83 7.95 -6.92
C GLY A 169 17.00 7.27 -7.97
N TYR A 170 15.99 6.53 -7.54
CA TYR A 170 15.04 5.94 -8.46
C TYR A 170 13.67 5.96 -7.82
N ASP A 171 12.67 6.32 -8.62
CA ASP A 171 11.28 6.19 -8.23
C ASP A 171 10.50 5.67 -9.43
N ALA A 172 9.48 4.85 -9.20
CA ALA A 172 8.68 4.31 -10.32
C ALA A 172 7.87 5.39 -11.03
N ASP A 173 7.63 6.49 -10.32
CA ASP A 173 6.99 7.66 -10.89
C ASP A 173 8.08 8.63 -11.38
N GLU A 174 8.22 8.74 -12.70
CA GLU A 174 9.17 9.65 -13.35
C GLU A 174 9.03 11.08 -12.81
N THR A 175 7.80 11.48 -12.52
CA THR A 175 7.50 12.79 -11.94
C THR A 175 8.33 13.06 -10.68
N LEU A 176 8.30 12.12 -9.73
CA LEU A 176 9.00 12.28 -8.46
C LEU A 176 10.50 12.18 -8.61
N LEU A 177 10.94 11.35 -9.54
CA LEU A 177 12.36 11.25 -9.87
C LEU A 177 12.88 12.60 -10.39
N GLU A 178 12.13 13.20 -11.33
CA GLU A 178 12.38 14.55 -11.86
C GLU A 178 12.52 15.59 -10.73
N ARG A 179 11.52 15.70 -9.87
CA ARG A 179 11.57 16.60 -8.72
C ARG A 179 12.88 16.47 -7.96
N ALA A 180 13.24 15.23 -7.59
CA ALA A 180 14.44 14.97 -6.81
C ALA A 180 15.71 15.36 -7.57
N THR A 181 15.80 14.94 -8.81
CA THR A 181 16.88 15.35 -9.69
C THR A 181 17.10 16.87 -9.69
N SER A 182 16.02 17.63 -9.88
CA SER A 182 16.13 19.10 -9.93
C SER A 182 16.42 19.71 -8.58
N ASN A 183 15.60 19.38 -7.59
CA ASN A 183 15.72 19.97 -6.25
C ASN A 183 16.99 19.64 -5.49
N LEU A 184 17.47 18.41 -5.69
CA LEU A 184 18.53 17.89 -4.83
C LEU A 184 19.83 17.73 -5.58
N GLY A 185 19.77 17.69 -6.91
CA GLY A 185 20.93 17.41 -7.73
C GLY A 185 21.43 15.98 -7.61
N ILE A 186 20.53 15.05 -7.30
CA ILE A 186 20.89 13.63 -7.28
C ILE A 186 21.02 13.04 -8.70
N ILE A 187 21.74 11.93 -8.81
CA ILE A 187 21.91 11.26 -10.11
C ILE A 187 20.75 10.30 -10.35
N PRO A 188 20.02 10.46 -11.48
CA PRO A 188 18.96 9.51 -11.77
C PRO A 188 19.53 8.12 -12.03
N PHE A 189 19.01 7.13 -11.33
CA PHE A 189 19.49 5.77 -11.52
C PHE A 189 18.73 5.13 -12.68
N ASP A 190 19.47 4.48 -13.57
CA ASP A 190 18.89 3.81 -14.72
C ASP A 190 19.08 2.29 -14.63
N PRO A 191 17.99 1.53 -14.49
CA PRO A 191 18.04 0.06 -14.44
C PRO A 191 18.67 -0.60 -15.66
N ALA A 192 18.71 0.11 -16.79
CA ALA A 192 19.39 -0.39 -18.00
C ALA A 192 20.91 -0.25 -17.90
N ASN A 193 21.37 0.63 -17.02
CA ASN A 193 22.78 0.77 -16.69
C ASN A 193 22.96 0.74 -15.19
N PRO A 194 22.85 -0.46 -14.58
CA PRO A 194 22.95 -0.54 -13.13
C PRO A 194 24.37 -0.34 -12.64
N LYS A 195 24.51 -0.24 -11.33
CA LYS A 195 25.79 -0.08 -10.69
C LYS A 195 25.64 -0.77 -9.36
N LYS A 196 26.72 -1.33 -8.85
CA LYS A 196 26.71 -1.92 -7.51
C LYS A 196 26.87 -0.88 -6.43
N PHE A 197 26.12 -1.07 -5.34
CA PHE A 197 26.20 -0.23 -4.15
C PHE A 197 26.48 -1.04 -2.90
N SER A 198 27.16 -0.41 -1.96
CA SER A 198 27.35 -0.99 -0.64
C SER A 198 26.41 -0.32 0.36
N ILE A 199 25.72 0.73 -0.07
CA ILE A 199 24.76 1.45 0.76
C ILE A 199 23.48 1.69 -0.02
N ILE A 200 22.39 1.15 0.49
CA ILE A 200 21.09 1.30 -0.13
C ILE A 200 20.02 1.71 0.87
N PHE A 201 19.23 2.70 0.47
CA PHE A 201 18.12 3.21 1.27
C PHE A 201 16.86 3.04 0.44
N GLU A 202 15.85 2.40 1.02
CA GLU A 202 14.64 2.12 0.27
C GLU A 202 13.42 2.56 1.05
N ALA A 203 12.60 3.40 0.44
CA ALA A 203 11.39 3.93 1.07
C ALA A 203 10.18 3.74 0.14
N THR A 204 9.75 2.48 0.01
CA THR A 204 8.70 2.10 -0.91
C THR A 204 7.71 1.16 -0.20
N PRO A 205 6.43 1.24 -0.56
CA PRO A 205 5.48 0.26 -0.01
C PRO A 205 5.39 -1.03 -0.82
N CYS A 206 6.52 -1.52 -1.32
CA CYS A 206 6.55 -2.70 -2.21
C CYS A 206 7.71 -3.65 -1.90
N ALA A 207 7.55 -4.93 -2.25
CA ALA A 207 8.65 -5.88 -2.12
C ALA A 207 9.39 -5.98 -3.45
N ASN A 208 10.56 -6.64 -3.42
CA ASN A 208 11.35 -6.90 -4.64
C ASN A 208 11.64 -5.64 -5.47
N THR A 209 11.97 -4.55 -4.80
CA THR A 209 12.26 -3.30 -5.47
C THR A 209 13.75 -3.14 -5.73
N ILE A 210 14.55 -3.91 -5.00
CA ILE A 210 16.01 -3.88 -5.17
C ILE A 210 16.42 -5.07 -6.04
N PRO A 211 16.86 -4.80 -7.29
CA PRO A 211 17.30 -5.88 -8.18
C PRO A 211 18.67 -6.43 -7.75
N GLU A 212 18.91 -7.71 -8.03
CA GLU A 212 20.18 -8.35 -7.69
C GLU A 212 21.41 -7.63 -8.28
N ALA A 213 21.23 -7.04 -9.47
CA ALA A 213 22.31 -6.34 -10.17
C ALA A 213 22.95 -5.23 -9.33
N VAL A 214 22.17 -4.70 -8.40
CA VAL A 214 22.60 -3.52 -7.63
C VAL A 214 23.35 -3.88 -6.34
N LEU A 215 23.19 -5.13 -5.90
CA LEU A 215 23.73 -5.59 -4.64
C LEU A 215 25.20 -5.94 -4.71
N SER A 216 25.91 -5.65 -3.63
CA SER A 216 27.27 -6.13 -3.43
C SER A 216 27.28 -6.95 -2.16
N GLU A 217 28.31 -7.76 -1.96
CA GLU A 217 28.41 -8.59 -0.78
C GLU A 217 28.55 -7.70 0.45
N ASN A 218 27.74 -7.99 1.47
CA ASN A 218 27.75 -7.27 2.75
C ASN A 218 27.36 -5.79 2.69
N CYS A 219 26.45 -5.46 1.80
CA CYS A 219 25.89 -4.12 1.76
C CYS A 219 24.83 -3.96 2.82
N VAL A 220 24.57 -2.71 3.21
CA VAL A 220 23.45 -2.39 4.06
C VAL A 220 22.24 -1.96 3.22
N LEU A 221 21.10 -2.54 3.55
CA LEU A 221 19.82 -2.06 3.10
C LEU A 221 19.11 -1.47 4.30
N SER A 222 18.84 -0.18 4.23
CA SER A 222 18.15 0.50 5.31
C SER A 222 16.81 0.88 4.75
N THR A 223 15.76 0.34 5.34
CA THR A 223 14.43 0.48 4.76
C THR A 223 13.38 0.50 5.85
N PRO A 224 12.57 1.58 5.90
CA PRO A 224 11.36 1.59 6.72
C PRO A 224 10.20 0.93 5.98
N GLY A 225 10.43 0.60 4.70
CA GLY A 225 9.41 0.10 3.81
C GLY A 225 8.72 -1.16 4.27
N ILE A 226 7.40 -1.19 4.04
CA ILE A 226 6.55 -2.34 4.34
C ILE A 226 5.78 -2.68 3.06
N PRO A 227 6.00 -3.90 2.51
CA PRO A 227 6.89 -4.97 2.99
C PRO A 227 8.35 -4.81 2.51
N CYS A 228 9.20 -5.79 2.82
CA CYS A 228 10.65 -5.67 2.61
C CYS A 228 11.13 -5.69 1.14
N ALA A 229 11.99 -4.73 0.80
CA ALA A 229 12.48 -4.49 -0.57
C ALA A 229 13.26 -5.64 -1.23
N ILE A 230 13.86 -6.48 -0.41
CA ILE A 230 14.69 -7.57 -0.87
C ILE A 230 14.06 -8.89 -0.43
N SER A 231 14.19 -9.92 -1.26
CA SER A 231 13.70 -11.25 -0.89
C SER A 231 14.65 -11.85 0.14
N GLU A 232 14.15 -12.76 0.97
CA GLU A 232 14.98 -13.46 1.94
C GLU A 232 16.10 -14.23 1.24
N GLU A 233 15.84 -14.71 0.02
CA GLU A 233 16.85 -15.42 -0.78
C GLU A 233 18.04 -14.51 -1.07
N LEU A 234 17.75 -13.32 -1.63
CA LEU A 234 18.78 -12.39 -2.02
C LEU A 234 19.56 -11.84 -0.84
N ARG A 235 18.89 -11.61 0.28
CA ARG A 235 19.63 -11.15 1.47
C ARG A 235 20.51 -12.22 2.10
N ASP A 236 20.13 -13.49 1.95
CA ASP A 236 21.04 -14.59 2.27
C ASP A 236 22.24 -14.64 1.34
N LYS A 237 22.00 -14.68 0.03
CA LYS A 237 23.07 -14.79 -0.97
C LYS A 237 24.11 -13.67 -0.88
N TYR A 238 23.68 -12.47 -0.51
CA TYR A 238 24.60 -11.32 -0.45
C TYR A 238 24.98 -10.92 0.96
N GLU A 239 24.48 -11.68 1.94
CA GLU A 239 24.70 -11.38 3.36
C GLU A 239 24.39 -9.92 3.62
N VAL A 240 23.17 -9.52 3.23
CA VAL A 240 22.71 -8.15 3.29
C VAL A 240 22.40 -7.74 4.72
N GLN A 241 23.07 -6.69 5.18
CA GLN A 241 22.81 -6.18 6.51
C GLN A 241 21.56 -5.30 6.50
N LEU A 242 20.51 -5.85 7.11
CA LEU A 242 19.15 -5.32 6.98
C LEU A 242 18.76 -4.45 8.16
N ILE A 243 18.46 -3.18 7.88
CA ILE A 243 17.92 -2.28 8.89
C ILE A 243 16.49 -2.01 8.52
N ALA A 244 15.58 -2.61 9.29
CA ALA A 244 14.15 -2.55 8.99
C ALA A 244 13.36 -2.81 10.24
N GLU A 245 12.44 -1.91 10.53
CA GLU A 245 11.62 -1.97 11.74
C GLU A 245 10.33 -1.17 11.47
N PRO A 246 9.19 -1.64 12.00
CA PRO A 246 7.94 -1.07 11.47
C PRO A 246 7.48 0.26 12.08
N LEU A 247 8.03 0.68 13.22
CA LEU A 247 7.51 1.90 13.90
C LEU A 247 8.47 2.59 14.87
N GLY A 248 9.24 1.82 15.64
CA GLY A 248 10.08 2.33 16.71
C GLY A 248 11.19 3.28 16.30
N ILE A 249 11.95 2.96 15.26
CA ILE A 249 13.05 3.83 14.87
C ILE A 249 12.53 5.21 14.42
N GLY A 250 11.47 5.20 13.61
CA GLY A 250 10.86 6.44 13.14
C GLY A 250 10.35 7.30 14.28
N THR A 251 9.79 6.63 15.27
CA THR A 251 9.23 7.29 16.43
C THR A 251 10.32 7.95 17.29
N ALA A 252 11.42 7.23 17.47
CA ALA A 252 12.56 7.76 18.19
C ALA A 252 13.07 9.02 17.48
N SER A 253 13.24 8.92 16.16
CA SER A 253 13.63 10.08 15.36
C SER A 253 12.77 11.32 15.64
N MSE A 254 11.45 11.14 15.65
CA MSE A 254 10.51 12.22 15.92
C MSE A 254 10.72 12.81 17.28
O MSE A 254 10.87 14.04 17.40
CB MSE A 254 9.09 11.70 15.94
CG MSE A 254 8.51 11.48 14.55
SE MSE A 254 6.94 10.32 14.80
CE MSE A 254 5.68 11.76 15.23
N LEU A 255 10.73 11.95 18.28
CA LEU A 255 10.84 12.38 19.67
C LEU A 255 12.13 13.13 19.94
N TYR A 256 13.23 12.59 19.44
CA TYR A 256 14.52 13.22 19.59
C TYR A 256 14.65 14.51 18.74
N SER A 257 13.94 14.59 17.62
CA SER A 257 14.01 15.80 16.81
C SER A 257 13.36 17.01 17.49
N VAL A 258 12.43 16.75 18.41
CA VAL A 258 11.71 17.85 19.06
C VAL A 258 12.26 18.27 20.43
N LEU A 259 13.13 17.46 21.04
CA LEU A 259 13.72 17.80 22.34
C LEU A 259 14.60 19.03 22.27
N THR B 5 -17.79 17.30 -8.90
CA THR B 5 -19.04 18.09 -9.02
C THR B 5 -19.58 18.18 -10.49
N PRO B 6 -19.28 19.24 -11.27
CA PRO B 6 -19.93 19.22 -12.58
C PRO B 6 -19.09 18.56 -13.68
N ASP B 7 -17.84 18.98 -13.82
CA ASP B 7 -16.92 18.41 -14.79
C ASP B 7 -16.38 17.06 -14.31
N ASP B 8 -16.46 16.82 -13.00
CA ASP B 8 -16.13 15.53 -12.40
C ASP B 8 -17.17 14.48 -12.77
N LEU B 9 -18.44 14.91 -12.86
CA LEU B 9 -19.53 14.06 -13.34
C LEU B 9 -19.19 13.52 -14.73
N ILE B 10 -18.78 14.44 -15.61
CA ILE B 10 -18.31 14.10 -16.96
C ILE B 10 -17.07 13.22 -16.87
N ASN B 11 -16.17 13.55 -15.95
CA ASN B 11 -14.90 12.86 -15.78
C ASN B 11 -15.04 11.39 -15.40
N ILE B 12 -15.87 11.11 -14.39
CA ILE B 12 -16.13 9.73 -13.97
C ILE B 12 -16.87 8.96 -15.05
N ASN B 13 -17.85 9.63 -15.68
CA ASN B 13 -18.62 9.05 -16.78
C ASN B 13 -17.73 8.70 -17.98
N MSE B 14 -16.70 9.50 -18.19
CA MSE B 14 -15.74 9.25 -19.26
C MSE B 14 -14.93 8.02 -18.96
O MSE B 14 -14.81 7.13 -19.80
CB MSE B 14 -14.82 10.44 -19.45
CG MSE B 14 -14.36 10.53 -20.90
SE MSE B 14 -15.91 10.93 -22.05
CE MSE B 14 -16.32 9.12 -22.69
N GLN B 15 -14.38 7.99 -17.74
CA GLN B 15 -13.52 6.89 -17.30
C GLN B 15 -14.23 5.54 -17.29
N LEU B 16 -15.54 5.57 -17.09
CA LEU B 16 -16.37 4.36 -17.12
C LEU B 16 -16.64 3.91 -18.56
N GLN B 17 -16.86 4.87 -19.45
CA GLN B 17 -17.08 4.58 -20.86
C GLN B 17 -15.82 4.03 -21.52
N LYS B 18 -14.67 4.59 -21.15
CA LYS B 18 -13.37 4.10 -21.61
C LYS B 18 -13.16 2.65 -21.21
N ALA B 19 -13.32 2.41 -19.90
CA ALA B 19 -13.16 1.08 -19.32
C ALA B 19 -14.12 0.09 -19.97
N ASP B 20 -15.35 0.54 -20.23
CA ASP B 20 -16.36 -0.30 -20.88
C ASP B 20 -15.89 -0.71 -22.29
N SER B 21 -15.22 0.23 -22.97
CA SER B 21 -14.70 0.00 -24.30
C SER B 21 -13.50 -0.94 -24.29
N ALA B 22 -12.57 -0.69 -23.38
CA ALA B 22 -11.43 -1.59 -23.17
C ALA B 22 -11.92 -3.01 -22.92
N VAL B 23 -12.99 -3.15 -22.14
CA VAL B 23 -13.56 -4.47 -21.85
C VAL B 23 -14.21 -5.08 -23.09
N GLN B 24 -14.95 -4.26 -23.85
CA GLN B 24 -15.51 -4.67 -25.17
C GLN B 24 -14.43 -5.17 -26.11
N GLU B 25 -13.38 -4.37 -26.26
CA GLU B 25 -12.23 -4.73 -27.09
C GLU B 25 -11.67 -6.12 -26.73
N VAL B 26 -11.40 -6.34 -25.44
CA VAL B 26 -10.81 -7.58 -24.96
C VAL B 26 -11.75 -8.80 -25.02
N THR B 27 -13.03 -8.62 -24.68
CA THR B 27 -13.95 -9.74 -24.45
C THR B 27 -15.11 -9.85 -25.45
N GLY B 28 -15.47 -8.74 -26.08
CA GLY B 28 -16.65 -8.71 -26.94
C GLY B 28 -17.89 -8.25 -26.20
N LEU B 29 -17.90 -8.44 -24.89
CA LEU B 29 -18.98 -8.00 -24.03
C LEU B 29 -18.59 -6.69 -23.38
N ASP B 30 -19.58 -5.89 -23.00
CA ASP B 30 -19.34 -4.74 -22.13
C ASP B 30 -19.36 -5.20 -20.64
N ILE B 31 -19.10 -4.27 -19.73
CA ILE B 31 -19.10 -4.60 -18.30
C ILE B 31 -20.45 -5.19 -17.88
N LYS B 32 -21.53 -4.57 -18.35
CA LYS B 32 -22.89 -5.05 -18.13
C LYS B 32 -23.03 -6.52 -18.54
N GLY B 33 -22.56 -6.84 -19.75
CA GLY B 33 -22.57 -8.21 -20.29
C GLY B 33 -21.72 -9.21 -19.51
N ILE B 34 -20.53 -8.79 -19.10
CA ILE B 34 -19.65 -9.61 -18.25
C ILE B 34 -20.38 -10.04 -16.98
N CYS B 35 -21.02 -9.08 -16.32
CA CYS B 35 -21.76 -9.35 -15.08
C CYS B 35 -22.93 -10.29 -15.32
N LYS B 36 -23.62 -10.06 -16.45
CA LYS B 36 -24.71 -10.94 -16.90
C LYS B 36 -24.19 -12.35 -17.12
N ALA B 37 -23.03 -12.48 -17.75
CA ALA B 37 -22.38 -13.77 -17.98
C ALA B 37 -21.86 -14.39 -16.67
N LEU B 38 -21.45 -13.53 -15.75
CA LEU B 38 -20.83 -13.96 -14.51
C LEU B 38 -21.85 -14.48 -13.51
N TYR B 39 -22.93 -13.72 -13.33
CA TYR B 39 -23.90 -14.01 -12.29
C TYR B 39 -25.28 -14.43 -12.80
N GLY B 40 -25.44 -14.42 -14.12
CA GLY B 40 -26.73 -14.76 -14.72
C GLY B 40 -27.81 -13.82 -14.21
N THR B 41 -27.55 -12.52 -14.33
CA THR B 41 -28.31 -11.52 -13.62
C THR B 41 -28.36 -10.22 -14.46
N PHE B 42 -29.32 -9.34 -14.16
CA PHE B 42 -29.56 -8.16 -15.00
C PHE B 42 -30.24 -7.04 -14.20
N SER B 43 -29.92 -5.80 -14.57
CA SER B 43 -30.46 -4.61 -13.92
C SER B 43 -31.91 -4.37 -14.32
N SER B 44 -32.74 -4.14 -13.32
CA SER B 44 -34.16 -3.83 -13.52
C SER B 44 -34.51 -2.59 -12.72
N SER B 45 -33.64 -1.58 -12.81
CA SER B 45 -33.81 -0.30 -12.11
C SER B 45 -33.97 -0.45 -10.59
N GLU B 46 -33.37 -1.49 -10.02
CA GLU B 46 -33.46 -1.72 -8.58
C GLU B 46 -32.99 -0.50 -7.80
N LYS B 47 -33.70 -0.21 -6.71
CA LYS B 47 -33.38 0.93 -5.90
C LYS B 47 -32.20 0.58 -4.98
N VAL B 48 -31.14 1.36 -5.10
CA VAL B 48 -29.95 1.16 -4.28
C VAL B 48 -29.65 2.41 -3.46
N GLY B 49 -29.58 2.23 -2.14
CA GLY B 49 -29.31 3.31 -1.21
C GLY B 49 -27.84 3.32 -0.84
N ILE B 50 -27.19 4.42 -1.16
CA ILE B 50 -25.79 4.61 -0.82
C ILE B 50 -25.74 5.41 0.49
N VAL B 51 -25.23 4.79 1.53
CA VAL B 51 -25.15 5.45 2.83
C VAL B 51 -23.71 5.76 3.18
N PRO B 52 -23.36 7.07 3.25
CA PRO B 52 -22.02 7.48 3.65
C PRO B 52 -21.76 7.01 5.07
N VAL B 53 -20.51 6.73 5.40
CA VAL B 53 -20.16 6.38 6.78
C VAL B 53 -18.90 7.10 7.26
N THR B 54 -18.87 7.43 8.55
CA THR B 54 -17.70 8.06 9.18
C THR B 54 -16.56 7.04 9.32
N SER B 55 -15.60 7.11 8.41
CA SER B 55 -14.44 6.23 8.39
C SER B 55 -13.52 6.57 7.22
N ILE B 60 -17.39 15.69 4.31
CA ILE B 60 -17.26 15.59 2.86
C ILE B 60 -17.36 14.13 2.41
N GLY B 61 -18.42 13.83 1.65
CA GLY B 61 -18.66 12.48 1.13
C GLY B 61 -18.55 12.44 -0.39
N ASN B 62 -17.31 12.38 -0.89
CA ASN B 62 -17.07 12.32 -2.33
C ASN B 62 -17.07 10.89 -2.87
N PHE B 63 -16.73 9.94 -2.00
CA PHE B 63 -16.74 8.53 -2.37
C PHE B 63 -18.14 8.05 -2.72
N SER B 64 -19.11 8.50 -1.93
CA SER B 64 -20.51 8.16 -2.16
C SER B 64 -21.03 8.78 -3.46
N ALA B 65 -20.64 10.03 -3.72
CA ALA B 65 -20.92 10.71 -4.98
C ALA B 65 -20.39 9.92 -6.20
N SER B 66 -19.18 9.36 -6.07
CA SER B 66 -18.61 8.48 -7.12
C SER B 66 -19.50 7.28 -7.33
N LEU B 67 -19.87 6.63 -6.24
CA LEU B 67 -20.72 5.45 -6.30
C LEU B 67 -22.06 5.78 -6.94
N HIS B 68 -22.58 6.96 -6.63
CA HIS B 68 -23.82 7.47 -7.24
C HIS B 68 -23.67 7.57 -8.75
N ALA B 69 -22.58 8.19 -9.17
CA ALA B 69 -22.25 8.30 -10.59
C ALA B 69 -22.18 6.93 -11.25
N ILE B 70 -21.47 6.01 -10.59
CA ILE B 70 -21.20 4.67 -11.14
C ILE B 70 -22.47 3.85 -11.26
N THR B 71 -23.30 3.86 -10.21
CA THR B 71 -24.53 3.06 -10.20
C THR B 71 -25.57 3.59 -11.20
N GLN B 72 -25.61 4.91 -11.40
CA GLN B 72 -26.45 5.53 -12.42
C GLN B 72 -26.11 4.96 -13.80
N TYR B 73 -24.82 5.01 -14.13
CA TYR B 73 -24.29 4.45 -15.37
C TYR B 73 -24.80 3.04 -15.70
N PHE B 74 -24.95 2.18 -14.68
CA PHE B 74 -25.36 0.79 -14.92
C PHE B 74 -26.86 0.54 -14.85
N GLY B 75 -27.64 1.62 -14.77
CA GLY B 75 -29.10 1.54 -14.86
C GLY B 75 -29.81 1.23 -13.56
N PHE B 76 -29.19 1.60 -12.44
CA PHE B 76 -29.82 1.45 -11.13
C PHE B 76 -30.39 2.79 -10.68
N ASP B 77 -31.52 2.73 -9.99
CA ASP B 77 -32.12 3.90 -9.37
C ASP B 77 -31.48 4.12 -7.99
N SER B 78 -30.38 4.86 -7.96
CA SER B 78 -29.61 5.03 -6.74
C SER B 78 -29.74 6.42 -6.15
N PHE B 79 -29.53 6.52 -4.84
CA PHE B 79 -29.50 7.81 -4.14
C PHE B 79 -28.52 7.77 -2.98
N VAL B 80 -28.00 8.95 -2.62
CA VAL B 80 -27.19 9.08 -1.43
C VAL B 80 -28.07 9.67 -0.32
N THR B 81 -28.05 9.02 0.83
CA THR B 81 -28.81 9.45 1.99
C THR B 81 -28.26 10.75 2.55
N ASP B 82 -29.15 11.57 3.10
CA ASP B 82 -28.77 12.84 3.70
C ASP B 82 -27.97 12.62 4.97
N MSE B 83 -28.33 11.59 5.72
CA MSE B 83 -27.64 11.24 6.96
C MSE B 83 -26.60 10.20 6.71
O MSE B 83 -26.75 9.37 5.81
CB MSE B 83 -28.67 10.70 7.95
CG MSE B 83 -29.71 11.72 8.40
SE MSE B 83 -28.90 13.24 9.37
CE MSE B 83 -27.93 12.33 10.83
N PRO B 84 -25.51 10.21 7.51
CA PRO B 84 -24.51 9.16 7.45
C PRO B 84 -24.79 8.04 8.47
N ASP B 85 -23.92 7.03 8.48
CA ASP B 85 -23.98 5.94 9.46
C ASP B 85 -25.37 5.27 9.66
N VAL B 86 -25.73 5.01 10.91
CA VAL B 86 -26.97 4.32 11.26
C VAL B 86 -28.22 5.13 10.87
N SER B 87 -28.21 6.42 11.17
CA SER B 87 -29.26 7.33 10.70
C SER B 87 -29.42 7.21 9.18
N GLY B 88 -28.29 7.13 8.48
CA GLY B 88 -28.29 6.95 7.02
C GLY B 88 -28.89 5.62 6.59
N TYR B 89 -28.47 4.55 7.25
CA TYR B 89 -28.98 3.21 6.97
C TYR B 89 -30.51 3.22 7.05
N TYR B 90 -31.00 3.77 8.16
CA TYR B 90 -32.40 3.86 8.46
C TYR B 90 -33.12 4.67 7.37
N GLU B 91 -32.60 5.85 7.08
CA GLU B 91 -33.13 6.69 6.00
C GLU B 91 -33.27 5.87 4.71
N ALA B 92 -32.22 5.12 4.37
CA ALA B 92 -32.19 4.32 3.16
C ALA B 92 -33.28 3.26 3.11
N VAL B 93 -33.41 2.46 4.18
CA VAL B 93 -34.41 1.39 4.21
C VAL B 93 -35.82 1.96 4.17
N GLN B 94 -36.03 3.06 4.90
CA GLN B 94 -37.35 3.71 5.00
C GLN B 94 -37.75 4.35 3.68
N ASN B 95 -36.76 4.74 2.87
CA ASN B 95 -37.00 5.32 1.54
C ASN B 95 -37.06 4.32 0.41
N GLY B 96 -37.27 3.05 0.74
CA GLY B 96 -37.50 2.02 -0.27
C GLY B 96 -36.31 1.34 -0.91
N ALA B 97 -35.10 1.56 -0.38
CA ALA B 97 -33.90 0.91 -0.91
C ALA B 97 -33.99 -0.61 -0.84
N GLU B 98 -33.72 -1.26 -1.97
CA GLU B 98 -33.69 -2.73 -2.06
C GLU B 98 -32.27 -3.24 -1.82
N ILE B 99 -31.29 -2.44 -2.22
CA ILE B 99 -29.87 -2.75 -1.99
C ILE B 99 -29.18 -1.61 -1.26
N ILE B 100 -28.51 -1.94 -0.17
CA ILE B 100 -27.68 -0.97 0.58
C ILE B 100 -26.21 -1.12 0.13
N LEU B 101 -25.59 0.02 -0.12
CA LEU B 101 -24.20 0.08 -0.54
C LEU B 101 -23.46 0.96 0.45
N MSE B 102 -22.44 0.42 1.10
CA MSE B 102 -21.71 1.19 2.12
C MSE B 102 -20.33 0.66 2.39
O MSE B 102 -20.05 -0.52 2.18
CB MSE B 102 -22.51 1.26 3.42
CG MSE B 102 -22.92 -0.09 4.01
SE MSE B 102 -24.10 0.28 5.55
CE MSE B 102 -24.40 -1.57 6.13
N ALA B 103 -19.45 1.57 2.85
CA ALA B 103 -18.06 1.25 3.08
C ALA B 103 -17.50 1.99 4.29
N ASP B 104 -16.61 1.32 5.01
CA ASP B 104 -15.69 1.99 5.92
C ASP B 104 -14.25 1.76 5.42
N ASP B 105 -13.27 2.00 6.28
CA ASP B 105 -11.85 1.87 5.91
C ASP B 105 -11.47 0.47 5.42
N ARG B 106 -12.19 -0.57 5.85
CA ARG B 106 -11.73 -1.94 5.60
C ARG B 106 -12.72 -2.87 4.88
N THR B 107 -13.99 -2.48 4.83
CA THR B 107 -15.02 -3.29 4.23
C THR B 107 -15.91 -2.41 3.36
N PHE B 108 -16.17 -2.89 2.15
CA PHE B 108 -17.08 -2.23 1.24
C PHE B 108 -18.08 -3.31 0.82
N LEU B 109 -19.33 -3.16 1.26
CA LEU B 109 -20.36 -4.18 1.00
C LEU B 109 -21.58 -3.68 0.21
N ALA B 110 -22.28 -4.63 -0.40
CA ALA B 110 -23.59 -4.40 -0.98
C ALA B 110 -24.52 -5.44 -0.37
N HIS B 111 -25.63 -4.98 0.16
CA HIS B 111 -26.58 -5.87 0.82
C HIS B 111 -27.95 -5.75 0.19
N ASN B 112 -28.43 -6.88 -0.34
CA ASN B 112 -29.75 -6.96 -0.94
C ASN B 112 -30.75 -7.35 0.14
N LEU B 113 -31.65 -6.44 0.46
CA LEU B 113 -32.64 -6.69 1.50
C LEU B 113 -33.77 -7.62 1.04
N LYS B 114 -34.09 -7.58 -0.26
CA LYS B 114 -35.09 -8.49 -0.84
C LYS B 114 -34.73 -9.96 -0.71
N ASN B 115 -33.51 -10.32 -1.12
CA ASN B 115 -33.12 -11.73 -1.17
C ASN B 115 -32.11 -12.19 -0.10
N GLY B 116 -31.57 -11.24 0.66
CA GLY B 116 -30.62 -11.55 1.72
C GLY B 116 -29.18 -11.77 1.28
N LYS B 117 -28.89 -11.49 0.01
CA LYS B 117 -27.55 -11.68 -0.53
C LYS B 117 -26.64 -10.50 -0.20
N MSE B 118 -25.40 -10.82 0.14
CA MSE B 118 -24.40 -9.81 0.49
C MSE B 118 -23.10 -10.05 -0.22
O MSE B 118 -22.57 -11.16 -0.23
CB MSE B 118 -24.17 -9.86 2.00
CG MSE B 118 -23.36 -8.64 2.43
SE MSE B 118 -23.54 -8.40 4.38
CE MSE B 118 -22.67 -10.10 4.92
N ALA B 119 -22.55 -8.97 -0.79
CA ALA B 119 -21.27 -9.05 -1.47
C ALA B 119 -20.22 -8.22 -0.76
N ASN B 120 -19.00 -8.74 -0.75
CA ASN B 120 -17.85 -7.97 -0.34
C ASN B 120 -17.09 -7.52 -1.59
N ASN B 121 -16.68 -6.26 -1.59
CA ASN B 121 -15.93 -5.66 -2.70
C ASN B 121 -14.72 -6.44 -3.17
N GLN B 122 -13.96 -6.98 -2.23
CA GLN B 122 -12.67 -7.58 -2.53
C GLN B 122 -12.75 -8.85 -3.37
N PRO B 123 -13.48 -9.88 -2.89
CA PRO B 123 -13.73 -11.03 -3.77
C PRO B 123 -14.42 -10.65 -5.09
N CYS B 124 -15.39 -9.75 -5.05
CA CYS B 124 -16.13 -9.38 -6.26
C CYS B 124 -15.23 -8.72 -7.29
N THR B 125 -14.30 -7.91 -6.82
CA THR B 125 -13.34 -7.27 -7.72
C THR B 125 -12.42 -8.31 -8.36
N GLY B 126 -11.89 -9.22 -7.53
CA GLY B 126 -10.99 -10.27 -8.00
C GLY B 126 -11.65 -11.19 -9.00
N ILE B 127 -12.91 -11.56 -8.73
CA ILE B 127 -13.65 -12.44 -9.62
C ILE B 127 -13.86 -11.77 -11.00
N ILE B 128 -14.34 -10.54 -11.02
CA ILE B 128 -14.66 -9.87 -12.31
C ILE B 128 -13.42 -9.57 -13.16
N TYR B 129 -12.34 -9.11 -12.54
CA TYR B 129 -11.10 -8.89 -13.27
C TYR B 129 -10.48 -10.19 -13.79
N ALA B 130 -10.60 -11.27 -13.02
CA ALA B 130 -10.16 -12.59 -13.48
C ALA B 130 -11.05 -13.05 -14.63
N GLU B 131 -12.35 -12.84 -14.49
CA GLU B 131 -13.31 -13.20 -15.52
C GLU B 131 -12.97 -12.51 -16.85
N ILE B 132 -12.70 -11.21 -16.78
CA ILE B 132 -12.39 -10.41 -17.96
C ILE B 132 -11.11 -10.88 -18.64
N ALA B 133 -10.11 -11.24 -17.85
CA ALA B 133 -8.87 -11.79 -18.38
C ALA B 133 -9.14 -13.13 -19.06
N SER B 134 -9.90 -13.98 -18.37
CA SER B 134 -10.23 -15.32 -18.86
C SER B 134 -10.98 -15.29 -20.19
N ARG B 135 -11.65 -14.19 -20.47
CA ARG B 135 -12.46 -14.08 -21.68
C ARG B 135 -11.76 -13.34 -22.81
N TYR B 136 -10.44 -13.20 -22.71
CA TYR B 136 -9.67 -12.54 -23.75
C TYR B 136 -9.77 -13.28 -25.09
N LEU B 137 -10.43 -12.61 -26.04
CA LEU B 137 -10.73 -13.13 -27.37
C LEU B 137 -9.53 -13.68 -28.13
N LYS B 138 -8.39 -12.99 -28.06
CA LYS B 138 -7.23 -13.34 -28.88
C LYS B 138 -6.12 -14.03 -28.11
N ALA B 139 -6.49 -14.69 -27.00
CA ALA B 139 -5.53 -15.44 -26.19
C ALA B 139 -5.20 -16.78 -26.84
N ASP B 140 -3.93 -17.16 -26.81
CA ASP B 140 -3.51 -18.41 -27.46
C ASP B 140 -3.65 -19.66 -26.58
N SER B 141 -3.42 -19.51 -25.28
CA SER B 141 -3.45 -20.65 -24.36
C SER B 141 -4.46 -20.48 -23.24
N LYS B 142 -4.55 -21.50 -22.38
CA LYS B 142 -5.34 -21.47 -21.16
C LYS B 142 -4.48 -21.12 -19.95
N ASP B 143 -3.23 -20.74 -20.20
CA ASP B 143 -2.31 -20.41 -19.13
C ASP B 143 -2.57 -19.01 -18.66
N VAL B 144 -2.54 -18.82 -17.34
CA VAL B 144 -2.75 -17.49 -16.77
C VAL B 144 -1.82 -17.27 -15.60
N LEU B 145 -1.26 -16.06 -15.53
CA LEU B 145 -0.41 -15.64 -14.43
C LEU B 145 -1.23 -14.75 -13.51
N VAL B 146 -1.29 -15.12 -12.24
CA VAL B 146 -1.85 -14.26 -11.20
C VAL B 146 -0.71 -13.76 -10.33
N VAL B 147 -0.60 -12.46 -10.18
CA VAL B 147 0.40 -11.87 -9.29
C VAL B 147 -0.34 -11.08 -8.25
N GLY B 148 -0.15 -11.48 -6.99
CA GLY B 148 -0.87 -10.92 -5.84
C GLY B 148 -1.97 -11.88 -5.46
N LEU B 149 -1.83 -12.51 -4.30
CA LEU B 149 -2.80 -13.50 -3.84
C LEU B 149 -3.40 -13.13 -2.49
N GLY B 150 -3.71 -11.84 -2.34
CA GLY B 150 -4.33 -11.30 -1.13
C GLY B 150 -5.83 -11.35 -1.23
N LYS B 151 -6.49 -10.41 -0.57
CA LYS B 151 -7.96 -10.39 -0.50
C LYS B 151 -8.68 -10.27 -1.83
N VAL B 152 -8.05 -9.64 -2.84
CA VAL B 152 -8.61 -9.57 -4.18
C VAL B 152 -8.09 -10.72 -5.04
N GLY B 153 -6.78 -10.94 -4.99
CA GLY B 153 -6.10 -11.92 -5.84
C GLY B 153 -6.49 -13.36 -5.65
N PHE B 154 -6.54 -13.81 -4.39
CA PHE B 154 -6.89 -15.19 -4.08
C PHE B 154 -8.25 -15.60 -4.65
N PRO B 155 -9.32 -14.83 -4.40
CA PRO B 155 -10.60 -15.23 -5.02
C PRO B 155 -10.58 -15.20 -6.54
N GLY B 156 -9.84 -14.26 -7.13
CA GLY B 156 -9.65 -14.25 -8.59
C GLY B 156 -8.96 -15.52 -9.10
N ALA B 157 -7.93 -15.95 -8.38
CA ALA B 157 -7.21 -17.17 -8.71
C ALA B 157 -8.15 -18.36 -8.62
N GLU B 158 -8.98 -18.37 -7.57
CA GLU B 158 -9.96 -19.43 -7.35
C GLU B 158 -10.96 -19.50 -8.49
N HIS B 159 -11.46 -18.34 -8.92
CA HIS B 159 -12.36 -18.27 -10.06
C HIS B 159 -11.70 -18.90 -11.29
N LEU B 160 -10.43 -18.56 -11.53
CA LEU B 160 -9.69 -19.05 -12.69
C LEU B 160 -9.52 -20.57 -12.69
N VAL B 161 -9.20 -21.15 -11.53
CA VAL B 161 -9.12 -22.60 -11.40
C VAL B 161 -10.46 -23.28 -11.72
N GLN B 162 -11.55 -22.72 -11.22
CA GLN B 162 -12.88 -23.29 -11.46
C GLN B 162 -13.34 -23.21 -12.92
N LYS B 163 -12.72 -22.33 -13.71
CA LYS B 163 -12.96 -22.26 -15.15
C LYS B 163 -11.99 -23.15 -15.95
N ASP B 164 -11.25 -23.99 -15.23
CA ASP B 164 -10.25 -24.91 -15.79
C ASP B 164 -9.11 -24.28 -16.61
N PHE B 165 -8.59 -23.16 -16.12
CA PHE B 165 -7.40 -22.56 -16.69
C PHE B 165 -6.18 -23.12 -15.96
N ARG B 166 -5.01 -23.11 -16.61
CA ARG B 166 -3.79 -23.48 -15.91
C ARG B 166 -3.21 -22.23 -15.23
N VAL B 167 -3.40 -22.15 -13.92
CA VAL B 167 -3.12 -20.95 -13.17
C VAL B 167 -1.75 -21.03 -12.48
N TYR B 168 -0.90 -20.07 -12.80
CA TYR B 168 0.36 -19.85 -12.12
C TYR B 168 0.16 -18.68 -11.21
N GLY B 169 0.75 -18.75 -10.02
CA GLY B 169 0.60 -17.70 -9.04
C GLY B 169 1.90 -17.23 -8.42
N TYR B 170 1.94 -15.95 -8.07
CA TYR B 170 3.05 -15.43 -7.33
C TYR B 170 2.56 -14.39 -6.35
N ASP B 171 3.18 -14.41 -5.17
CA ASP B 171 2.99 -13.35 -4.19
C ASP B 171 4.32 -13.09 -3.49
N ALA B 172 4.57 -11.84 -3.11
CA ALA B 172 5.84 -11.50 -2.48
C ALA B 172 5.93 -12.06 -1.07
N ASP B 173 4.79 -12.41 -0.51
CA ASP B 173 4.72 -13.12 0.76
C ASP B 173 4.61 -14.63 0.51
N GLU B 174 5.69 -15.36 0.77
CA GLU B 174 5.74 -16.82 0.58
C GLU B 174 4.60 -17.54 1.27
N THR B 175 4.20 -17.00 2.42
CA THR B 175 3.05 -17.47 3.20
C THR B 175 1.78 -17.55 2.34
N LEU B 176 1.44 -16.46 1.66
CA LEU B 176 0.22 -16.42 0.85
C LEU B 176 0.32 -17.29 -0.39
N LEU B 177 1.52 -17.33 -0.97
CA LEU B 177 1.78 -18.22 -2.09
C LEU B 177 1.54 -19.68 -1.69
N GLU B 178 2.11 -20.08 -0.56
CA GLU B 178 1.87 -21.39 0.04
C GLU B 178 0.37 -21.71 0.16
N ARG B 179 -0.38 -20.83 0.84
CA ARG B 179 -1.84 -20.99 0.99
C ARG B 179 -2.49 -21.32 -0.35
N ALA B 180 -2.26 -20.45 -1.34
CA ALA B 180 -2.86 -20.60 -2.66
C ALA B 180 -2.46 -21.91 -3.34
N THR B 181 -1.18 -22.25 -3.28
CA THR B 181 -0.69 -23.53 -3.79
C THR B 181 -1.47 -24.73 -3.21
N SER B 182 -1.59 -24.78 -1.89
CA SER B 182 -2.30 -25.88 -1.21
C SER B 182 -3.81 -25.87 -1.46
N ASN B 183 -4.45 -24.72 -1.18
CA ASN B 183 -5.90 -24.58 -1.30
C ASN B 183 -6.47 -24.73 -2.71
N LEU B 184 -5.73 -24.19 -3.68
CA LEU B 184 -6.24 -24.05 -5.04
C LEU B 184 -5.59 -24.99 -6.04
N GLY B 185 -4.41 -25.51 -5.69
CA GLY B 185 -3.66 -26.38 -6.59
C GLY B 185 -3.01 -25.62 -7.75
N ILE B 186 -2.78 -24.32 -7.56
CA ILE B 186 -2.12 -23.51 -8.59
C ILE B 186 -0.62 -23.77 -8.64
N ILE B 187 -0.01 -23.43 -9.77
CA ILE B 187 1.42 -23.65 -9.96
C ILE B 187 2.20 -22.44 -9.45
N PRO B 188 3.12 -22.64 -8.48
CA PRO B 188 3.91 -21.51 -8.02
C PRO B 188 4.80 -20.98 -9.14
N PHE B 189 4.72 -19.70 -9.39
CA PHE B 189 5.53 -19.09 -10.44
C PHE B 189 6.89 -18.71 -9.87
N ASP B 190 7.93 -19.05 -10.62
CA ASP B 190 9.31 -18.77 -10.21
C ASP B 190 9.94 -17.76 -11.15
N PRO B 191 10.30 -16.57 -10.63
CA PRO B 191 11.00 -15.56 -11.43
C PRO B 191 12.35 -16.03 -12.02
N ALA B 192 12.96 -17.04 -11.41
CA ALA B 192 14.21 -17.64 -11.92
C ALA B 192 13.96 -18.56 -13.12
N ASN B 193 12.71 -18.99 -13.28
CA ASN B 193 12.26 -19.74 -14.46
C ASN B 193 10.96 -19.13 -14.98
N PRO B 194 11.04 -17.93 -15.60
CA PRO B 194 9.81 -17.31 -16.08
C PRO B 194 9.24 -18.04 -17.28
N LYS B 195 8.04 -17.64 -17.67
CA LYS B 195 7.35 -18.22 -18.79
C LYS B 195 6.49 -17.10 -19.39
N LYS B 196 6.24 -17.16 -20.70
CA LYS B 196 5.45 -16.11 -21.34
C LYS B 196 3.97 -16.41 -21.18
N PHE B 197 3.19 -15.34 -21.02
CA PHE B 197 1.75 -15.48 -20.87
C PHE B 197 1.04 -14.53 -21.81
N SER B 198 -0.16 -14.90 -22.21
CA SER B 198 -0.99 -13.98 -22.99
C SER B 198 -2.14 -13.44 -22.12
N ILE B 199 -2.28 -14.02 -20.93
CA ILE B 199 -3.29 -13.60 -19.95
C ILE B 199 -2.65 -13.41 -18.58
N ILE B 200 -2.74 -12.18 -18.09
CA ILE B 200 -2.19 -11.84 -16.79
C ILE B 200 -3.19 -11.08 -15.92
N PHE B 201 -3.33 -11.57 -14.69
CA PHE B 201 -4.18 -10.93 -13.68
C PHE B 201 -3.30 -10.47 -12.53
N GLU B 202 -3.42 -9.20 -12.18
CA GLU B 202 -2.57 -8.65 -11.14
C GLU B 202 -3.38 -7.91 -10.09
N ALA B 203 -3.16 -8.27 -8.84
CA ALA B 203 -3.93 -7.69 -7.73
C ALA B 203 -2.99 -7.27 -6.61
N THR B 204 -2.27 -6.18 -6.85
CA THR B 204 -1.18 -5.76 -5.98
C THR B 204 -1.25 -4.24 -5.84
N PRO B 205 -0.94 -3.72 -4.65
CA PRO B 205 -0.90 -2.26 -4.52
C PRO B 205 0.44 -1.66 -4.92
N CYS B 206 1.08 -2.19 -5.95
CA CYS B 206 2.43 -1.78 -6.36
C CYS B 206 2.57 -1.65 -7.87
N ALA B 207 3.56 -0.86 -8.31
CA ALA B 207 3.87 -0.75 -9.73
C ALA B 207 5.01 -1.69 -10.10
N ASN B 208 5.24 -1.87 -11.40
CA ASN B 208 6.37 -2.67 -11.91
C ASN B 208 6.45 -4.07 -11.34
N THR B 209 5.31 -4.72 -11.16
CA THR B 209 5.28 -6.06 -10.59
C THR B 209 5.31 -7.12 -11.69
N ILE B 210 5.01 -6.71 -12.92
CA ILE B 210 5.06 -7.65 -14.04
C ILE B 210 6.38 -7.46 -14.80
N PRO B 211 7.27 -8.46 -14.75
CA PRO B 211 8.56 -8.36 -15.43
C PRO B 211 8.46 -8.57 -16.93
N GLU B 212 9.31 -7.88 -17.70
CA GLU B 212 9.27 -7.97 -19.16
C GLU B 212 9.31 -9.41 -19.68
N ALA B 213 10.08 -10.26 -18.99
CA ALA B 213 10.24 -11.68 -19.34
C ALA B 213 8.92 -12.43 -19.52
N VAL B 214 7.89 -12.01 -18.80
CA VAL B 214 6.63 -12.70 -18.75
C VAL B 214 5.68 -12.30 -19.90
N LEU B 215 5.94 -11.13 -20.47
CA LEU B 215 5.03 -10.53 -21.42
C LEU B 215 5.19 -11.13 -22.79
N SER B 216 4.06 -11.27 -23.48
CA SER B 216 4.04 -11.59 -24.90
C SER B 216 3.34 -10.45 -25.62
N GLU B 217 3.52 -10.38 -26.94
CA GLU B 217 2.90 -9.35 -27.74
C GLU B 217 1.39 -9.50 -27.73
N ASN B 218 0.70 -8.39 -27.44
CA ASN B 218 -0.76 -8.35 -27.38
C ASN B 218 -1.44 -9.19 -26.28
N CYS B 219 -0.78 -9.29 -25.13
CA CYS B 219 -1.39 -9.95 -23.98
C CYS B 219 -2.33 -8.99 -23.25
N VAL B 220 -3.27 -9.56 -22.50
CA VAL B 220 -4.11 -8.78 -21.60
C VAL B 220 -3.53 -8.78 -20.19
N LEU B 221 -3.43 -7.57 -19.63
CA LEU B 221 -3.21 -7.38 -18.22
C LEU B 221 -4.51 -6.85 -17.66
N SER B 222 -5.09 -7.63 -16.74
CA SER B 222 -6.31 -7.23 -16.08
C SER B 222 -5.95 -6.99 -14.61
N THR B 223 -6.10 -5.75 -14.19
CA THR B 223 -5.59 -5.37 -12.88
C THR B 223 -6.46 -4.29 -12.25
N PRO B 224 -7.01 -4.58 -11.05
CA PRO B 224 -7.67 -3.54 -10.26
C PRO B 224 -6.63 -2.74 -9.49
N GLY B 225 -5.38 -3.20 -9.56
CA GLY B 225 -4.29 -2.69 -8.77
C GLY B 225 -4.02 -1.21 -8.93
N ILE B 226 -3.75 -0.56 -7.79
CA ILE B 226 -3.37 0.85 -7.72
C ILE B 226 -2.05 0.95 -6.96
N PRO B 227 -0.97 1.42 -7.64
CA PRO B 227 -0.90 1.87 -9.03
C PRO B 227 -0.66 0.73 -10.03
N CYS B 228 -0.49 1.07 -11.31
CA CYS B 228 -0.45 0.09 -12.41
C CYS B 228 0.80 -0.82 -12.51
N ALA B 229 0.54 -2.11 -12.67
CA ALA B 229 1.55 -3.19 -12.60
C ALA B 229 2.67 -3.15 -13.63
N ILE B 230 2.36 -2.54 -14.76
CA ILE B 230 3.27 -2.43 -15.88
C ILE B 230 3.59 -0.96 -16.13
N SER B 231 4.83 -0.67 -16.54
CA SER B 231 5.21 0.69 -16.93
C SER B 231 4.58 1.04 -18.27
N GLU B 232 4.34 2.33 -18.50
CA GLU B 232 3.79 2.79 -19.77
C GLU B 232 4.71 2.39 -20.93
N GLU B 233 6.01 2.37 -20.66
CA GLU B 233 7.01 1.93 -21.65
C GLU B 233 6.75 0.50 -22.11
N LEU B 234 6.63 -0.41 -21.14
CA LEU B 234 6.45 -1.84 -21.44
C LEU B 234 5.12 -2.14 -22.10
N ARG B 235 4.05 -1.46 -21.67
CA ARG B 235 2.76 -1.66 -22.32
C ARG B 235 2.71 -1.11 -23.76
N ASP B 236 3.52 -0.09 -24.05
CA ASP B 236 3.72 0.34 -25.44
C ASP B 236 4.47 -0.74 -26.23
N LYS B 237 5.64 -1.14 -25.73
CA LYS B 237 6.50 -2.11 -26.42
C LYS B 237 5.81 -3.44 -26.72
N TYR B 238 4.88 -3.86 -25.86
CA TYR B 238 4.23 -5.15 -26.04
C TYR B 238 2.78 -5.05 -26.52
N GLU B 239 2.33 -3.80 -26.69
CA GLU B 239 0.95 -3.50 -27.10
C GLU B 239 0.01 -4.24 -26.14
N VAL B 240 0.22 -3.97 -24.85
CA VAL B 240 -0.49 -4.65 -23.78
C VAL B 240 -1.91 -4.11 -23.69
N GLN B 241 -2.87 -5.00 -23.82
CA GLN B 241 -4.28 -4.65 -23.64
C GLN B 241 -4.65 -4.57 -22.15
N LEU B 242 -4.80 -3.33 -21.67
CA LEU B 242 -4.88 -3.00 -20.26
C LEU B 242 -6.32 -2.83 -19.78
N ILE B 243 -6.74 -3.70 -18.87
CA ILE B 243 -8.03 -3.58 -18.20
C ILE B 243 -7.75 -3.10 -16.79
N ALA B 244 -8.04 -1.84 -16.53
CA ALA B 244 -7.75 -1.23 -15.25
C ALA B 244 -8.66 -0.03 -15.01
N GLU B 245 -9.28 -0.01 -13.84
CA GLU B 245 -10.24 1.02 -13.48
C GLU B 245 -10.35 1.06 -11.95
N PRO B 246 -10.45 2.28 -11.37
CA PRO B 246 -10.24 2.36 -9.93
C PRO B 246 -11.41 1.98 -9.01
N LEU B 247 -12.64 1.89 -9.52
CA LEU B 247 -13.80 1.62 -8.65
C LEU B 247 -15.05 1.03 -9.31
N GLY B 248 -15.36 1.48 -10.52
CA GLY B 248 -16.60 1.10 -11.22
C GLY B 248 -16.82 -0.37 -11.55
N ILE B 249 -15.80 -1.02 -12.09
CA ILE B 249 -15.93 -2.44 -12.46
C ILE B 249 -16.19 -3.32 -11.24
N GLY B 250 -15.44 -3.07 -10.16
CA GLY B 250 -15.62 -3.82 -8.92
C GLY B 250 -17.00 -3.63 -8.34
N THR B 251 -17.51 -2.41 -8.45
CA THR B 251 -18.82 -2.03 -7.91
C THR B 251 -19.94 -2.71 -8.68
N ALA B 252 -19.81 -2.73 -10.00
CA ALA B 252 -20.76 -3.45 -10.86
C ALA B 252 -20.79 -4.93 -10.48
N SER B 253 -19.61 -5.53 -10.31
CA SER B 253 -19.50 -6.93 -9.88
C SER B 253 -20.32 -7.19 -8.61
N MSE B 254 -20.16 -6.32 -7.61
CA MSE B 254 -20.88 -6.42 -6.34
C MSE B 254 -22.36 -6.37 -6.53
O MSE B 254 -23.07 -7.26 -6.05
CB MSE B 254 -20.55 -5.24 -5.44
CG MSE B 254 -19.21 -5.36 -4.76
SE MSE B 254 -18.75 -3.56 -4.12
CE MSE B 254 -19.76 -3.65 -2.45
N LEU B 255 -22.83 -5.33 -7.24
CA LEU B 255 -24.27 -5.09 -7.44
C LEU B 255 -24.92 -6.22 -8.19
N TYR B 256 -24.27 -6.69 -9.24
CA TYR B 256 -24.77 -7.80 -10.02
C TYR B 256 -24.68 -9.14 -9.26
N SER B 257 -23.70 -9.29 -8.38
CA SER B 257 -23.63 -10.51 -7.58
C SER B 257 -24.76 -10.65 -6.55
N VAL B 258 -25.43 -9.55 -6.21
CA VAL B 258 -26.50 -9.62 -5.19
C VAL B 258 -27.92 -9.62 -5.75
N LEU B 259 -28.06 -9.32 -7.04
CA LEU B 259 -29.37 -9.32 -7.69
C LEU B 259 -29.99 -10.71 -7.74
PA NAD C . 4.81 7.56 -0.50
O1A NAD C . 3.62 6.93 -1.17
O2A NAD C . 4.85 9.01 -0.05
O5B NAD C . 6.06 7.36 -1.48
C5B NAD C . 6.58 6.05 -1.68
C4B NAD C . 7.29 6.14 -3.01
O4B NAD C . 7.72 4.85 -3.42
C3B NAD C . 6.33 6.67 -4.05
O3B NAD C . 6.93 7.84 -4.61
C2B NAD C . 6.27 5.59 -5.10
O2B NAD C . 6.26 6.13 -6.42
C1B NAD C . 7.57 4.84 -4.84
N9A NAD C . 7.54 3.48 -5.38
C8A NAD C . 6.53 2.60 -5.28
N7A NAD C . 6.86 1.43 -5.89
C5A NAD C . 8.10 1.57 -6.39
C6A NAD C . 9.04 0.72 -7.15
N6A NAD C . 8.67 -0.55 -7.51
N1A NAD C . 10.25 1.22 -7.49
C2A NAD C . 10.59 2.47 -7.13
N3A NAD C . 9.78 3.32 -6.44
C4A NAD C . 8.54 2.92 -6.06
O3 NAD C . 5.14 6.65 0.78
PN NAD C . 6.04 7.20 2.00
O1N NAD C . 5.22 8.14 2.85
O2N NAD C . 7.38 7.64 1.44
O5D NAD C . 6.27 5.83 2.81
C5D NAD C . 7.03 4.79 2.18
C4D NAD C . 6.93 3.55 3.01
O4D NAD C . 7.46 3.82 4.33
C3D NAD C . 5.50 3.12 3.21
O3D NAD C . 5.44 1.70 3.01
C2D NAD C . 5.18 3.50 4.65
O2D NAD C . 4.22 2.66 5.27
C1D NAD C . 6.54 3.30 5.28
N1N NAD C . 6.76 3.99 6.55
C2N NAD C . 7.37 3.26 7.51
C3N NAD C . 7.67 3.79 8.76
C7N NAD C . 8.37 2.91 9.77
O7N NAD C . 8.59 3.31 10.93
N7N NAD C . 8.80 1.71 9.36
C4N NAD C . 7.33 5.13 9.01
C5N NAD C . 6.71 5.88 7.99
C6N NAD C . 6.43 5.28 6.75
NA NA D . 9.64 -1.68 0.61
MG MG E . 10.82 2.58 12.25
PA NAD F . -3.87 -7.15 -0.15
O1A NAD F . -2.75 -6.46 0.59
O2A NAD F . -4.86 -8.09 0.50
O5B NAD F . -3.16 -7.96 -1.35
C5B NAD F . -2.06 -7.43 -2.06
C4B NAD F . -1.07 -8.56 -2.21
O4B NAD F . -0.03 -8.21 -3.12
C3B NAD F . -0.44 -8.94 -0.89
O3B NAD F . -0.65 -10.34 -0.74
C2B NAD F . 1.04 -8.65 -1.06
O2B NAD F . 1.81 -9.64 -0.40
C1B NAD F . 1.19 -8.73 -2.59
N9A NAD F . 2.35 -8.04 -3.21
C8A NAD F . 2.88 -6.83 -2.96
N7A NAD F . 3.96 -6.61 -3.77
C5A NAD F . 4.12 -7.70 -4.56
C6A NAD F . 5.03 -8.14 -5.64
N6A NAD F . 6.06 -7.40 -6.11
N1A NAD F . 4.81 -9.37 -6.17
C2A NAD F . 3.81 -10.17 -5.76
N3A NAD F . 2.94 -9.82 -4.79
C4A NAD F . 3.05 -8.63 -4.17
O3 NAD F . -4.65 -6.05 -1.00
PN NAD F . -5.98 -6.38 -1.83
O1N NAD F . -7.13 -6.18 -0.87
O2N NAD F . -5.84 -7.73 -2.52
O5D NAD F . -6.00 -5.18 -2.92
C5D NAD F . -5.19 -5.25 -4.09
C4D NAD F . -5.14 -3.90 -4.81
O4D NAD F . -6.32 -3.67 -5.59
C3D NAD F . -5.05 -2.72 -3.84
O3D NAD F . -4.18 -1.78 -4.44
C2D NAD F . -6.44 -2.13 -3.81
O2D NAD F . -6.38 -0.72 -3.60
C1D NAD F . -6.94 -2.43 -5.22
N1N NAD F . -8.40 -2.49 -5.31
C2N NAD F . -8.97 -1.99 -6.41
C3N NAD F . -10.35 -2.00 -6.61
C7N NAD F . -10.92 -1.45 -7.87
O7N NAD F . -12.12 -1.29 -8.01
N7N NAD F . -10.08 -1.14 -8.86
C4N NAD F . -11.17 -2.56 -5.62
C5N NAD F . -10.55 -3.08 -4.47
C6N NAD F . -9.16 -3.04 -4.34
NA NA G . -0.51 -3.15 -9.16
MG MG H . -13.10 -1.58 -10.47
#